data_3OMD
#
_entry.id   3OMD
#
_cell.length_a   65.910
_cell.length_b   66.259
_cell.length_c   78.044
_cell.angle_alpha   90.000
_cell.angle_beta   90.000
_cell.angle_gamma   90.000
#
_symmetry.space_group_name_H-M   'P 21 21 21'
#
loop_
_entity.id
_entity.type
_entity.pdbx_description
1 polymer 'Uncharacterized protein'
2 water water
#
_entity_poly.entity_id   1
_entity_poly.type   'polypeptide(L)'
_entity_poly.pdbx_seq_one_letter_code
;LYFQG(MSE)DLTKQFPRSPVDRLGG(MSE)DHLKRVIDKARAHVAGTLGEYTYN(OCS)PLDQAFFSFFGLDHEKFAEA
VKSRPQDQD(MSE)LAWVHSQSPRSKNPKEVESFNREYESRSPDSPEKWDYFRSVRDSLAPGRTDITTWVKLLDLEEKRP
V
;
_entity_poly.pdbx_strand_id   A,B
#
# COMPACT_ATOMS: atom_id res chain seq x y z
N LEU A 1 8.05 -36.86 2.45
CA LEU A 1 7.83 -36.13 1.18
C LEU A 1 6.40 -35.65 1.11
N TYR A 2 6.09 -34.90 0.08
CA TYR A 2 4.81 -34.27 0.03
C TYR A 2 4.15 -34.56 -1.33
N PHE A 3 3.04 -35.30 -1.32
CA PHE A 3 2.33 -35.64 -2.57
C PHE A 3 1.97 -34.45 -3.48
N GLN A 4 1.78 -33.28 -2.88
CA GLN A 4 1.47 -32.05 -3.63
C GLN A 4 2.70 -31.13 -3.72
N GLY A 5 3.89 -31.70 -3.61
CA GLY A 5 5.13 -30.90 -3.67
C GLY A 5 5.24 -30.16 -5.00
N MSE A 6 5.94 -29.04 -4.99
N MSE A 6 6.00 -29.07 -5.02
CA MSE A 6 6.15 -28.29 -6.22
CA MSE A 6 6.08 -28.19 -6.19
C MSE A 6 7.58 -27.85 -6.15
C MSE A 6 7.46 -27.58 -6.26
O MSE A 6 8.05 -27.44 -5.09
O MSE A 6 7.75 -26.75 -5.41
CB MSE A 6 5.19 -27.09 -6.29
CB MSE A 6 5.02 -27.05 -6.06
CG MSE A 6 3.69 -27.47 -6.26
CG MSE A 6 3.57 -27.56 -6.13
SE MSE A 6 3.01 -28.57 -7.77
SE MSE A 6 2.11 -26.28 -6.42
CE MSE A 6 1.99 -27.17 -8.65
CE MSE A 6 0.70 -27.55 -6.90
N ASP A 7 8.27 -27.94 -7.27
CA ASP A 7 9.67 -27.53 -7.37
C ASP A 7 9.72 -26.20 -8.11
N LEU A 8 9.87 -25.11 -7.37
CA LEU A 8 9.82 -23.80 -8.00
C LEU A 8 11.15 -23.38 -8.61
N THR A 9 12.12 -24.30 -8.71
CA THR A 9 13.22 -24.06 -9.63
C THR A 9 12.81 -24.43 -11.07
N LYS A 10 11.71 -25.18 -11.21
CA LYS A 10 11.28 -25.84 -12.47
C LYS A 10 9.93 -25.32 -12.94
N GLN A 11 9.16 -24.72 -12.04
CA GLN A 11 7.84 -24.15 -12.34
C GLN A 11 7.70 -22.81 -11.67
N PHE A 12 6.79 -21.98 -12.15
CA PHE A 12 6.50 -20.69 -11.47
C PHE A 12 5.24 -20.88 -10.64
N PRO A 13 5.18 -20.23 -9.48
CA PRO A 13 3.89 -20.18 -8.79
C PRO A 13 2.92 -19.35 -9.63
N ARG A 14 1.62 -19.53 -9.38
CA ARG A 14 0.62 -18.87 -10.23
C ARG A 14 0.61 -17.35 -10.10
N SER A 15 -0.02 -16.72 -11.10
CA SER A 15 -0.01 -15.27 -11.18
C SER A 15 -0.59 -14.60 -9.95
N PRO A 16 0.00 -13.47 -9.53
CA PRO A 16 -0.61 -12.64 -8.46
C PRO A 16 -2.08 -12.36 -8.72
N VAL A 17 -2.50 -12.21 -9.99
CA VAL A 17 -3.86 -11.76 -10.29
C VAL A 17 -4.74 -12.88 -10.90
N ASP A 18 -4.29 -14.13 -10.76
CA ASP A 18 -5.09 -15.31 -11.12
C ASP A 18 -5.93 -15.59 -9.86
N ARG A 19 -7.18 -15.09 -9.84
CA ARG A 19 -7.93 -15.00 -8.57
C ARG A 19 -8.59 -16.31 -8.16
N LEU A 20 -8.76 -16.49 -6.85
CA LEU A 20 -9.47 -17.64 -6.28
C LEU A 20 -10.37 -17.04 -5.22
N GLY A 21 -11.67 -17.36 -5.26
CA GLY A 21 -12.59 -16.75 -4.29
C GLY A 21 -12.61 -15.22 -4.41
N GLY A 22 -12.28 -14.73 -5.60
CA GLY A 22 -12.22 -13.29 -5.84
C GLY A 22 -10.91 -12.64 -5.39
N MSE A 23 -10.01 -13.41 -4.75
CA MSE A 23 -8.81 -12.78 -4.13
C MSE A 23 -7.56 -12.98 -4.98
O MSE A 23 -7.26 -14.08 -5.44
CB MSE A 23 -8.50 -13.30 -2.74
CG MSE A 23 -9.51 -14.05 -2.05
SE MSE A 23 -8.60 -14.39 -0.42
CE MSE A 23 -7.20 -13.06 -0.72
N ASP A 24 -6.79 -11.89 -5.11
CA ASP A 24 -5.40 -11.97 -5.63
C ASP A 24 -4.52 -12.67 -4.58
N HIS A 25 -3.33 -13.06 -5.01
CA HIS A 25 -2.26 -13.68 -4.22
C HIS A 25 -2.55 -15.10 -3.71
N LEU A 26 -3.85 -15.42 -3.49
CA LEU A 26 -4.16 -16.71 -2.81
C LEU A 26 -3.64 -17.93 -3.60
N LYS A 27 -3.89 -17.99 -4.91
CA LYS A 27 -3.33 -19.15 -5.67
C LYS A 27 -1.80 -19.19 -5.56
N ARG A 28 -1.18 -18.01 -5.71
CA ARG A 28 0.27 -17.92 -5.71
C ARG A 28 0.85 -18.42 -4.38
N VAL A 29 0.25 -17.98 -3.27
CA VAL A 29 0.75 -18.40 -1.97
C VAL A 29 0.39 -19.84 -1.62
N ILE A 30 -0.74 -20.34 -2.13
CA ILE A 30 -0.93 -21.81 -2.06
C ILE A 30 0.28 -22.54 -2.66
N ASP A 31 0.68 -22.10 -3.85
CA ASP A 31 1.79 -22.79 -4.53
C ASP A 31 3.07 -22.66 -3.73
N LYS A 32 3.32 -21.46 -3.22
CA LYS A 32 4.55 -21.25 -2.44
C LYS A 32 4.50 -22.04 -1.14
N ALA A 33 3.33 -22.15 -0.51
CA ALA A 33 3.21 -22.96 0.68
C ALA A 33 3.52 -24.41 0.40
N ARG A 34 3.02 -24.92 -0.72
CA ARG A 34 3.35 -26.31 -1.06
C ARG A 34 4.83 -26.52 -1.26
N ALA A 35 5.49 -25.58 -1.95
CA ALA A 35 6.93 -25.70 -2.13
C ALA A 35 7.69 -25.55 -0.80
N HIS A 36 7.20 -24.66 0.07
CA HIS A 36 7.77 -24.51 1.39
C HIS A 36 7.75 -25.82 2.20
N VAL A 37 6.60 -26.49 2.23
CA VAL A 37 6.44 -27.80 2.93
C VAL A 37 7.44 -28.78 2.32
N ALA A 38 7.53 -28.77 0.99
CA ALA A 38 8.40 -29.69 0.24
C ALA A 38 9.91 -29.39 0.36
N GLY A 39 10.29 -28.16 0.71
CA GLY A 39 11.71 -27.75 0.65
C GLY A 39 12.22 -27.47 -0.75
N THR A 40 11.35 -26.97 -1.64
CA THR A 40 11.71 -26.78 -3.05
C THR A 40 11.31 -25.38 -3.56
N LEU A 41 11.60 -24.35 -2.77
CA LEU A 41 11.25 -22.98 -3.16
C LEU A 41 12.12 -22.32 -4.24
N GLY A 42 13.34 -22.80 -4.48
CA GLY A 42 14.22 -22.10 -5.42
C GLY A 42 14.48 -20.66 -5.01
N GLU A 43 14.32 -19.74 -5.97
CA GLU A 43 14.54 -18.30 -5.77
C GLU A 43 13.36 -17.67 -4.99
N TYR A 44 12.27 -18.43 -4.83
CA TYR A 44 11.08 -17.87 -4.16
C TYR A 44 11.21 -17.96 -2.66
N THR A 45 10.42 -17.15 -1.95
CA THR A 45 10.46 -17.16 -0.50
C THR A 45 9.05 -17.17 0.06
N TYR A 46 8.76 -18.17 0.89
CA TYR A 46 7.49 -18.24 1.57
C TYR A 46 7.54 -17.36 2.83
N ASN A 47 6.47 -16.58 3.02
CA ASN A 47 6.38 -15.61 4.12
C ASN A 47 7.36 -14.46 3.95
N OCS A 48 7.66 -14.14 2.70
CA OCS A 48 8.33 -12.87 2.43
CB OCS A 48 8.98 -12.93 1.08
SG OCS A 48 7.88 -12.67 -0.31
C OCS A 48 7.31 -11.71 2.60
O OCS A 48 6.11 -11.95 2.87
OD1 OCS A 48 6.65 -13.36 -0.07
OD2 OCS A 48 7.69 -11.23 -0.40
OD3 OCS A 48 8.60 -13.17 -1.47
N PRO A 49 7.77 -10.46 2.48
CA PRO A 49 6.87 -9.34 2.75
C PRO A 49 5.55 -9.36 1.94
N LEU A 50 5.54 -9.90 0.72
CA LEU A 50 4.29 -9.93 -0.06
C LEU A 50 3.30 -10.95 0.55
N ASP A 51 3.79 -12.15 0.85
CA ASP A 51 2.95 -13.13 1.57
C ASP A 51 2.48 -12.56 2.91
N GLN A 52 3.36 -11.85 3.61
CA GLN A 52 3.03 -11.29 4.93
C GLN A 52 1.87 -10.32 4.77
N ALA A 53 1.89 -9.52 3.69
CA ALA A 53 0.80 -8.56 3.47
C ALA A 53 -0.54 -9.28 3.29
N PHE A 54 -0.55 -10.37 2.55
CA PHE A 54 -1.77 -11.15 2.33
C PHE A 54 -2.20 -11.80 3.67
N PHE A 55 -1.27 -12.51 4.32
CA PHE A 55 -1.65 -13.13 5.59
C PHE A 55 -2.12 -12.10 6.64
N SER A 56 -1.44 -10.97 6.71
N SER A 56 -1.44 -10.97 6.71
CA SER A 56 -1.82 -9.93 7.67
CA SER A 56 -1.84 -9.94 7.68
C SER A 56 -3.23 -9.43 7.37
C SER A 56 -3.24 -9.42 7.38
N PHE A 57 -3.50 -9.16 6.10
CA PHE A 57 -4.79 -8.56 5.72
C PHE A 57 -5.95 -9.44 6.16
N PHE A 58 -5.79 -10.75 5.97
CA PHE A 58 -6.88 -11.69 6.22
C PHE A 58 -6.82 -12.33 7.58
N GLY A 59 -5.78 -12.01 8.36
CA GLY A 59 -5.64 -12.55 9.74
C GLY A 59 -5.28 -14.00 9.76
N LEU A 60 -4.45 -14.42 8.82
CA LEU A 60 -4.01 -15.81 8.72
C LEU A 60 -2.60 -15.99 9.25
N ASP A 61 -2.37 -17.13 9.89
N ASP A 61 -2.38 -17.16 9.84
CA ASP A 61 -1.03 -17.47 10.35
CA ASP A 61 -1.07 -17.56 10.39
C ASP A 61 -0.34 -18.29 9.29
C ASP A 61 -0.34 -18.32 9.29
N HIS A 62 0.84 -17.84 8.86
CA HIS A 62 1.59 -18.50 7.76
C HIS A 62 1.91 -19.98 8.05
N GLU A 63 2.13 -20.32 9.34
CA GLU A 63 2.48 -21.69 9.71
C GLU A 63 1.23 -22.57 9.59
N LYS A 64 0.13 -22.05 10.12
CA LYS A 64 -1.16 -22.79 10.01
C LYS A 64 -1.61 -22.93 8.58
N PHE A 65 -1.39 -21.91 7.75
CA PHE A 65 -1.74 -22.02 6.33
C PHE A 65 -0.93 -23.09 5.62
N ALA A 66 0.38 -23.15 5.88
CA ALA A 66 1.21 -24.15 5.24
C ALA A 66 0.78 -25.55 5.69
N GLU A 67 0.46 -25.70 6.98
CA GLU A 67 -0.02 -27.00 7.45
C GLU A 67 -1.36 -27.39 6.81
N ALA A 68 -2.23 -26.39 6.65
CA ALA A 68 -3.55 -26.65 6.12
C ALA A 68 -3.51 -27.14 4.68
N VAL A 69 -2.58 -26.64 3.88
CA VAL A 69 -2.54 -27.06 2.49
C VAL A 69 -2.13 -28.52 2.32
N LYS A 70 -1.46 -29.10 3.33
CA LYS A 70 -1.04 -30.51 3.27
C LYS A 70 -2.17 -31.51 3.17
N SER A 71 -3.34 -31.24 3.75
CA SER A 71 -4.47 -32.17 3.62
C SER A 71 -5.52 -31.66 2.63
N ARG A 72 -5.21 -30.54 1.95
CA ARG A 72 -6.14 -29.87 1.03
C ARG A 72 -5.51 -29.63 -0.34
N PRO A 73 -5.47 -30.65 -1.19
CA PRO A 73 -4.76 -30.61 -2.45
C PRO A 73 -5.43 -29.76 -3.51
N GLN A 74 -6.73 -29.48 -3.33
CA GLN A 74 -7.45 -28.72 -4.32
C GLN A 74 -7.66 -27.28 -3.83
N ASP A 75 -7.62 -26.36 -4.78
CA ASP A 75 -7.85 -24.93 -4.51
C ASP A 75 -9.16 -24.72 -3.71
N GLN A 76 -10.23 -25.41 -4.09
CA GLN A 76 -11.50 -25.16 -3.41
C GLN A 76 -11.37 -25.51 -1.94
N ASP A 77 -10.55 -26.51 -1.62
CA ASP A 77 -10.42 -26.89 -0.24
C ASP A 77 -9.57 -25.89 0.53
N MSE A 78 -8.53 -25.36 -0.10
CA MSE A 78 -7.78 -24.33 0.57
C MSE A 78 -8.60 -23.03 0.74
O MSE A 78 -8.53 -22.36 1.75
CB MSE A 78 -6.48 -24.04 -0.17
CG MSE A 78 -5.42 -24.98 0.06
SE MSE A 78 -5.11 -25.05 2.08
CE MSE A 78 -4.83 -23.15 2.56
N LEU A 79 -9.41 -22.72 -0.27
CA LEU A 79 -10.28 -21.54 -0.17
C LEU A 79 -11.27 -21.70 0.99
N ALA A 80 -11.84 -22.90 1.14
CA ALA A 80 -12.80 -23.13 2.23
C ALA A 80 -12.07 -22.97 3.58
N TRP A 81 -10.82 -23.42 3.66
CA TRP A 81 -10.08 -23.25 4.92
C TRP A 81 -9.86 -21.75 5.22
N VAL A 82 -9.45 -21.00 4.21
CA VAL A 82 -9.27 -19.56 4.38
C VAL A 82 -10.57 -18.90 4.91
N HIS A 83 -11.70 -19.23 4.28
CA HIS A 83 -12.98 -18.66 4.75
C HIS A 83 -13.23 -19.03 6.20
N SER A 84 -12.93 -20.27 6.58
CA SER A 84 -13.21 -20.73 7.93
C SER A 84 -12.31 -20.03 8.97
N GLN A 85 -11.15 -19.54 8.54
CA GLN A 85 -10.19 -18.85 9.39
C GLN A 85 -10.27 -17.34 9.35
N SER A 86 -11.01 -16.80 8.39
CA SER A 86 -10.96 -15.36 8.10
C SER A 86 -12.34 -14.79 7.73
N PRO A 87 -13.04 -14.25 8.72
CA PRO A 87 -14.28 -13.56 8.42
C PRO A 87 -14.08 -12.46 7.35
N ARG A 88 -12.93 -11.77 7.38
CA ARG A 88 -12.74 -10.65 6.43
C ARG A 88 -12.75 -11.19 4.99
N SER A 89 -12.22 -12.42 4.82
CA SER A 89 -12.15 -13.00 3.47
C SER A 89 -13.55 -13.36 2.91
N LYS A 90 -14.56 -13.40 3.78
CA LYS A 90 -15.95 -13.69 3.36
C LYS A 90 -16.72 -12.43 2.95
N ASN A 91 -16.04 -11.28 2.97
CA ASN A 91 -16.65 -10.02 2.60
C ASN A 91 -16.11 -9.55 1.25
N PRO A 92 -16.94 -9.63 0.18
CA PRO A 92 -16.33 -9.34 -1.12
C PRO A 92 -15.77 -7.94 -1.25
N LYS A 93 -16.35 -6.94 -0.58
CA LYS A 93 -15.77 -5.59 -0.67
C LYS A 93 -14.41 -5.49 0.02
N GLU A 94 -14.22 -6.29 1.07
CA GLU A 94 -12.90 -6.34 1.69
C GLU A 94 -11.88 -7.03 0.79
N VAL A 95 -12.28 -8.13 0.15
CA VAL A 95 -11.38 -8.79 -0.81
C VAL A 95 -11.00 -7.81 -1.94
N GLU A 96 -12.00 -7.07 -2.43
N GLU A 96 -11.97 -7.02 -2.40
CA GLU A 96 -11.76 -6.08 -3.50
CA GLU A 96 -11.71 -6.03 -3.45
C GLU A 96 -10.82 -5.01 -2.98
C GLU A 96 -10.72 -4.96 -2.97
N SER A 97 -10.99 -4.61 -1.72
N SER A 97 -10.87 -4.52 -1.72
CA SER A 97 -10.08 -3.65 -1.10
CA SER A 97 -9.96 -3.52 -1.14
C SER A 97 -8.64 -4.13 -1.14
C SER A 97 -8.55 -4.09 -1.03
N PHE A 98 -8.43 -5.36 -0.68
CA PHE A 98 -7.10 -5.99 -0.71
C PHE A 98 -6.51 -5.97 -2.11
N ASN A 99 -7.31 -6.43 -3.06
CA ASN A 99 -6.83 -6.52 -4.46
C ASN A 99 -6.42 -5.18 -4.98
N ARG A 100 -7.20 -4.14 -4.69
CA ARG A 100 -6.89 -2.82 -5.26
C ARG A 100 -5.54 -2.33 -4.71
N GLU A 101 -5.32 -2.52 -3.41
CA GLU A 101 -4.05 -2.08 -2.83
C GLU A 101 -2.88 -2.94 -3.36
N TYR A 102 -3.08 -4.26 -3.41
CA TYR A 102 -2.05 -5.19 -3.86
C TYR A 102 -1.63 -4.88 -5.29
N GLU A 103 -2.62 -4.66 -6.16
CA GLU A 103 -2.31 -4.39 -7.58
C GLU A 103 -1.70 -2.98 -7.77
N SER A 104 -1.87 -2.10 -6.78
N SER A 104 -1.87 -2.09 -6.78
CA SER A 104 -1.30 -0.75 -6.89
CA SER A 104 -1.27 -0.75 -6.89
C SER A 104 0.13 -0.68 -6.37
C SER A 104 0.15 -0.68 -6.39
N ARG A 105 0.58 -1.71 -5.67
CA ARG A 105 1.91 -1.64 -4.98
C ARG A 105 3.02 -1.35 -5.98
N SER A 106 3.77 -0.29 -5.68
N SER A 106 3.73 -0.25 -5.75
CA SER A 106 4.85 0.16 -6.54
CA SER A 106 4.85 0.14 -6.60
C SER A 106 6.07 0.42 -5.67
C SER A 106 6.05 0.44 -5.70
N PRO A 107 7.26 0.57 -6.29
CA PRO A 107 8.46 0.74 -5.45
C PRO A 107 8.29 1.93 -4.51
N ASP A 108 8.54 1.69 -3.23
CA ASP A 108 8.14 2.67 -2.21
C ASP A 108 9.19 3.72 -1.83
N SER A 109 10.25 3.80 -2.62
CA SER A 109 11.35 4.74 -2.39
C SER A 109 12.10 4.87 -3.67
N PRO A 110 12.89 5.94 -3.83
CA PRO A 110 13.69 6.02 -5.03
C PRO A 110 14.72 4.89 -5.15
N GLU A 111 15.28 4.41 -4.02
CA GLU A 111 16.19 3.28 -4.04
C GLU A 111 15.47 2.08 -4.66
N LYS A 112 14.25 1.82 -4.19
CA LYS A 112 13.54 0.65 -4.71
C LYS A 112 13.09 0.89 -6.17
N TRP A 113 12.81 2.16 -6.51
CA TRP A 113 12.46 2.48 -7.89
C TRP A 113 13.62 2.17 -8.85
N ASP A 114 14.84 2.48 -8.43
CA ASP A 114 16.05 2.12 -9.23
C ASP A 114 16.14 0.61 -9.43
N TYR A 115 15.91 -0.15 -8.36
CA TYR A 115 15.96 -1.61 -8.43
C TYR A 115 14.89 -2.14 -9.38
N PHE A 116 13.64 -1.68 -9.18
CA PHE A 116 12.52 -2.13 -10.03
C PHE A 116 12.87 -1.92 -11.51
N ARG A 117 13.37 -0.74 -11.82
CA ARG A 117 13.66 -0.46 -13.24
C ARG A 117 14.83 -1.29 -13.79
N SER A 118 15.80 -1.60 -12.95
N SER A 118 15.82 -1.60 -12.95
CA SER A 118 16.91 -2.45 -13.35
CA SER A 118 16.91 -2.48 -13.38
C SER A 118 16.43 -3.87 -13.67
C SER A 118 16.38 -3.87 -13.71
N VAL A 119 15.50 -4.40 -12.86
CA VAL A 119 14.93 -5.72 -13.13
C VAL A 119 14.13 -5.67 -14.43
N ARG A 120 13.25 -4.68 -14.52
CA ARG A 120 12.38 -4.61 -15.68
C ARG A 120 13.18 -4.43 -16.96
N ASP A 121 14.20 -3.59 -16.90
CA ASP A 121 14.99 -3.36 -18.12
C ASP A 121 15.73 -4.64 -18.56
N SER A 122 16.11 -5.50 -17.60
CA SER A 122 16.77 -6.78 -17.93
C SER A 122 15.81 -7.77 -18.58
N LEU A 123 14.52 -7.63 -18.30
CA LEU A 123 13.52 -8.57 -18.83
C LEU A 123 12.90 -8.08 -20.10
N ALA A 124 12.57 -6.78 -20.15
CA ALA A 124 11.84 -6.24 -21.30
C ALA A 124 12.04 -4.72 -21.34
N PRO A 125 13.14 -4.23 -21.92
N PRO A 125 13.17 -4.35 -21.97
CA PRO A 125 13.36 -2.81 -21.62
CA PRO A 125 13.59 -3.01 -22.29
C PRO A 125 12.42 -1.80 -22.29
C PRO A 125 12.42 -2.29 -22.93
N GLY A 126 11.62 -2.26 -23.25
N GLY A 126 12.09 -1.12 -22.40
CA GLY A 126 10.69 -1.37 -23.95
CA GLY A 126 11.09 -0.31 -23.02
C GLY A 126 9.39 -1.19 -23.17
C GLY A 126 9.64 -0.60 -22.66
N ARG A 127 9.34 -1.72 -21.95
CA ARG A 127 8.04 -1.86 -21.27
C ARG A 127 7.89 -0.85 -20.12
N THR A 128 7.97 0.44 -20.46
CA THR A 128 7.99 1.51 -19.45
C THR A 128 6.59 1.70 -18.84
N ASP A 129 5.62 1.01 -19.41
CA ASP A 129 4.25 1.00 -18.88
C ASP A 129 4.10 0.08 -17.69
N ILE A 130 5.09 -0.79 -17.46
CA ILE A 130 5.01 -1.73 -16.32
C ILE A 130 5.65 -1.06 -15.12
N THR A 131 4.84 -0.74 -14.09
CA THR A 131 5.31 0.05 -12.95
C THR A 131 4.94 -0.50 -11.59
N THR A 132 4.17 -1.58 -11.58
CA THR A 132 3.76 -2.19 -10.32
C THR A 132 4.44 -3.53 -10.13
N TRP A 133 4.67 -3.91 -8.88
CA TRP A 133 5.38 -5.14 -8.58
C TRP A 133 4.66 -6.35 -9.14
N VAL A 134 3.34 -6.41 -9.02
CA VAL A 134 2.67 -7.66 -9.45
C VAL A 134 2.76 -7.84 -10.98
N LYS A 135 2.83 -6.74 -11.72
CA LYS A 135 2.99 -6.87 -13.18
C LYS A 135 4.41 -7.27 -13.52
N LEU A 136 5.37 -6.79 -12.75
CA LEU A 136 6.75 -7.20 -12.96
C LEU A 136 6.90 -8.73 -12.74
N LEU A 137 6.25 -9.25 -11.69
CA LEU A 137 6.29 -10.70 -11.46
C LEU A 137 5.73 -11.46 -12.67
N ASP A 138 4.57 -11.05 -13.21
CA ASP A 138 4.03 -11.74 -14.38
C ASP A 138 5.01 -11.65 -15.55
N LEU A 139 5.67 -10.50 -15.71
CA LEU A 139 6.62 -10.35 -16.83
C LEU A 139 7.76 -11.36 -16.66
N GLU A 140 8.33 -11.43 -15.45
CA GLU A 140 9.46 -12.34 -15.21
C GLU A 140 9.01 -13.80 -15.40
N GLU A 141 7.74 -14.08 -15.09
CA GLU A 141 7.22 -15.44 -15.15
C GLU A 141 6.54 -15.73 -16.51
N LYS A 142 6.89 -14.91 -17.49
CA LYS A 142 6.58 -15.19 -18.92
C LYS A 142 5.09 -15.23 -19.24
N ARG A 143 4.30 -14.43 -18.52
CA ARG A 143 2.87 -14.28 -18.79
C ARG A 143 2.64 -13.02 -19.57
N PRO A 144 1.53 -12.98 -20.35
CA PRO A 144 1.18 -11.74 -21.03
C PRO A 144 0.92 -10.66 -19.98
N VAL A 145 1.54 -9.51 -20.22
CA VAL A 145 1.32 -8.32 -19.42
C VAL A 145 1.27 -7.17 -20.40
N LEU B 1 -1.81 35.22 11.06
N LEU B 1 -1.69 36.03 10.78
CA LEU B 1 -1.62 34.26 12.19
CA LEU B 1 -1.85 34.79 11.55
C LEU B 1 -2.49 33.10 11.79
C LEU B 1 -3.07 34.16 10.98
N TYR B 2 -3.44 33.41 10.90
N TYR B 2 -3.20 32.85 11.14
CA TYR B 2 -4.58 32.54 10.62
CA TYR B 2 -4.40 32.08 10.75
C TYR B 2 -4.61 31.95 9.23
C TYR B 2 -4.42 31.59 9.32
N PHE B 3 -3.54 32.11 8.47
CA PHE B 3 -3.59 31.81 7.05
C PHE B 3 -2.60 30.76 6.54
N GLN B 4 -1.82 30.16 7.45
CA GLN B 4 -0.75 29.23 7.06
C GLN B 4 -1.08 27.78 7.39
N GLY B 5 -2.28 27.55 7.95
CA GLY B 5 -2.74 26.19 8.30
C GLY B 5 -1.99 25.55 9.46
N MSE B 6 -1.33 26.36 10.30
CA MSE B 6 -0.39 25.82 11.27
C MSE B 6 -1.04 25.46 12.61
O MSE B 6 -0.43 24.68 13.36
CB MSE B 6 0.76 26.81 11.54
CG MSE B 6 0.32 28.13 12.23
SE MSE B 6 1.75 29.37 12.62
CE MSE B 6 1.93 30.01 10.87
N ASP B 7 -2.21 26.00 12.90
CA ASP B 7 -2.77 25.79 14.25
C ASP B 7 -3.70 24.59 14.27
N LEU B 8 -3.11 23.41 14.40
CA LEU B 8 -3.88 22.16 14.32
C LEU B 8 -4.52 21.82 15.66
N THR B 9 -4.39 22.72 16.63
CA THR B 9 -5.25 22.62 17.83
C THR B 9 -6.68 23.13 17.56
N LYS B 10 -6.85 23.90 16.48
CA LYS B 10 -8.14 24.56 16.18
C LYS B 10 -8.65 24.40 14.75
N GLN B 11 -7.80 23.88 13.88
CA GLN B 11 -8.21 23.56 12.52
C GLN B 11 -7.63 22.20 12.14
N PHE B 12 -8.10 21.68 11.01
CA PHE B 12 -7.53 20.44 10.45
C PHE B 12 -6.50 20.79 9.38
N PRO B 13 -5.48 19.94 9.22
CA PRO B 13 -4.63 20.09 8.01
C PRO B 13 -5.42 19.72 6.74
N ARG B 14 -4.96 20.15 5.57
CA ARG B 14 -5.73 20.00 4.36
C ARG B 14 -5.95 18.52 3.99
N SER B 15 -6.91 18.30 3.10
CA SER B 15 -7.32 16.93 2.69
C SER B 15 -6.16 16.15 2.07
N PRO B 16 -6.08 14.85 2.36
CA PRO B 16 -5.11 13.97 1.68
C PRO B 16 -5.15 14.09 0.14
N VAL B 17 -6.32 14.37 -0.44
CA VAL B 17 -6.46 14.38 -1.91
C VAL B 17 -6.65 15.78 -2.51
N ASP B 18 -6.36 16.83 -1.72
CA ASP B 18 -6.28 18.23 -2.20
C ASP B 18 -4.83 18.35 -2.74
N ARG B 19 -4.68 18.15 -4.05
CA ARG B 19 -3.35 17.91 -4.62
C ARG B 19 -2.55 19.19 -4.84
N LEU B 20 -1.24 19.03 -4.87
CA LEU B 20 -0.29 20.13 -5.16
C LEU B 20 0.81 19.48 -5.98
N GLY B 21 1.18 20.08 -7.12
CA GLY B 21 2.14 19.41 -8.02
C GLY B 21 1.63 18.03 -8.47
N GLY B 22 0.31 17.88 -8.48
CA GLY B 22 -0.30 16.60 -8.85
C GLY B 22 -0.33 15.59 -7.72
N MSE B 23 0.34 15.86 -6.60
CA MSE B 23 0.51 14.81 -5.56
C MSE B 23 -0.47 14.96 -4.40
O MSE B 23 -0.75 16.06 -3.91
CB MSE B 23 1.91 14.77 -4.93
CG MSE B 23 2.94 15.44 -5.66
SE MSE B 23 4.51 15.42 -4.63
CE MSE B 23 5.31 17.11 -5.24
N ASP B 24 -1.01 13.81 -3.99
CA ASP B 24 -1.72 13.69 -2.74
C ASP B 24 -0.74 13.92 -1.58
N HIS B 25 -1.29 14.15 -0.40
CA HIS B 25 -0.57 14.28 0.87
C HIS B 25 0.31 15.53 1.02
N LEU B 26 0.87 16.06 -0.07
CA LEU B 26 1.84 17.16 0.08
C LEU B 26 1.25 18.38 0.80
N LYS B 27 0.06 18.82 0.41
CA LYS B 27 -0.55 19.95 1.17
C LYS B 27 -0.73 19.65 2.64
N ARG B 28 -1.23 18.48 2.95
CA ARG B 28 -1.51 18.06 4.29
C ARG B 28 -0.24 18.04 5.15
N VAL B 29 0.84 17.51 4.57
CA VAL B 29 2.09 17.40 5.35
C VAL B 29 2.83 18.75 5.41
N ILE B 30 2.65 19.61 4.42
CA ILE B 30 3.14 20.99 4.59
C ILE B 30 2.49 21.59 5.85
N ASP B 31 1.16 21.45 5.95
CA ASP B 31 0.47 22.00 7.12
C ASP B 31 0.98 21.37 8.42
N LYS B 32 1.12 20.04 8.43
CA LYS B 32 1.63 19.37 9.62
C LYS B 32 3.06 19.80 9.98
N ALA B 33 3.89 20.01 8.95
CA ALA B 33 5.27 20.45 9.20
C ALA B 33 5.25 21.84 9.85
N ARG B 34 4.43 22.74 9.31
CA ARG B 34 4.33 24.08 9.93
C ARG B 34 3.84 23.98 11.37
N ALA B 35 2.87 23.11 11.61
CA ALA B 35 2.38 22.88 12.98
C ALA B 35 3.46 22.32 13.93
N HIS B 36 4.27 21.40 13.43
CA HIS B 36 5.38 20.85 14.18
C HIS B 36 6.39 21.94 14.55
N VAL B 37 6.73 22.80 13.58
CA VAL B 37 7.68 23.88 13.84
C VAL B 37 7.13 24.84 14.91
N ALA B 38 5.82 25.07 14.87
CA ALA B 38 5.16 26.06 15.72
C ALA B 38 4.82 25.49 17.10
N GLY B 39 4.84 24.17 17.23
CA GLY B 39 4.45 23.49 18.45
C GLY B 39 2.95 23.50 18.63
N THR B 40 2.22 23.46 17.52
CA THR B 40 0.76 23.46 17.53
C THR B 40 0.12 22.30 16.75
N LEU B 41 0.70 21.11 16.88
CA LEU B 41 0.13 19.93 16.25
C LEU B 41 -1.17 19.45 16.88
N GLY B 42 -1.43 19.78 18.14
CA GLY B 42 -2.61 19.24 18.80
C GLY B 42 -2.55 17.72 18.82
N GLU B 43 -3.62 17.08 18.36
CA GLU B 43 -3.73 15.61 18.27
C GLU B 43 -3.05 14.99 17.04
N TYR B 44 -2.46 15.85 16.21
CA TYR B 44 -1.79 15.34 15.00
C TYR B 44 -0.37 14.98 15.30
N THR B 45 0.20 14.15 14.45
CA THR B 45 1.56 13.64 14.61
C THR B 45 2.29 13.87 13.32
N TYR B 46 3.34 14.68 13.37
CA TYR B 46 4.23 14.85 12.24
C TYR B 46 5.17 13.66 12.16
N ASN B 47 5.37 13.19 10.94
CA ASN B 47 6.16 12.00 10.69
C ASN B 47 5.49 10.76 11.27
N OCS B 48 4.16 10.74 11.26
CA OCS B 48 3.43 9.50 11.52
CB OCS B 48 1.99 9.81 11.95
SG OCS B 48 0.88 10.13 10.57
C OCS B 48 3.54 8.56 10.30
O OCS B 48 4.18 8.91 9.29
OD1 OCS B 48 1.56 10.76 9.57
OD2 OCS B 48 0.37 8.84 10.10
OD3 OCS B 48 -0.20 10.88 11.14
N PRO B 49 3.00 7.33 10.38
CA PRO B 49 3.24 6.40 9.27
C PRO B 49 2.78 6.91 7.90
N LEU B 50 1.72 7.71 7.85
CA LEU B 50 1.31 8.21 6.53
C LEU B 50 2.31 9.24 5.96
N ASP B 51 2.80 10.13 6.81
CA ASP B 51 3.83 11.08 6.37
C ASP B 51 5.06 10.28 5.93
N GLN B 52 5.42 9.25 6.68
CA GLN B 52 6.61 8.48 6.39
C GLN B 52 6.48 7.85 5.01
N ALA B 53 5.26 7.40 4.66
CA ALA B 53 5.06 6.79 3.33
C ALA B 53 5.27 7.80 2.21
N PHE B 54 4.76 9.02 2.41
CA PHE B 54 5.01 10.10 1.44
C PHE B 54 6.51 10.47 1.35
N PHE B 55 7.15 10.69 2.50
CA PHE B 55 8.56 11.08 2.46
C PHE B 55 9.40 9.95 1.84
N SER B 56 9.12 8.70 2.20
N SER B 56 9.09 8.71 2.21
CA SER B 56 9.87 7.59 1.62
CA SER B 56 9.82 7.56 1.66
C SER B 56 9.73 7.53 0.10
C SER B 56 9.72 7.52 0.13
N PHE B 57 8.50 7.69 -0.40
CA PHE B 57 8.25 7.50 -1.84
C PHE B 57 9.09 8.49 -2.64
N PHE B 58 9.18 9.71 -2.14
CA PHE B 58 9.86 10.77 -2.88
C PHE B 58 11.29 11.00 -2.47
N GLY B 59 11.78 10.23 -1.50
CA GLY B 59 13.17 10.38 -1.06
C GLY B 59 13.44 11.67 -0.31
N LEU B 60 12.51 12.07 0.55
CA LEU B 60 12.62 13.29 1.33
C LEU B 60 12.85 12.97 2.81
N ASP B 61 13.58 13.85 3.49
CA ASP B 61 13.93 13.70 4.89
C ASP B 61 12.95 14.57 5.65
N HIS B 62 12.24 13.99 6.63
CA HIS B 62 11.22 14.74 7.38
C HIS B 62 11.80 15.93 8.16
N GLU B 63 13.05 15.82 8.62
CA GLU B 63 13.66 16.92 9.38
C GLU B 63 14.02 18.04 8.43
N LYS B 64 14.54 17.68 7.24
CA LYS B 64 14.87 18.72 6.24
C LYS B 64 13.60 19.40 5.69
N PHE B 65 12.54 18.63 5.50
CA PHE B 65 11.27 19.16 5.02
C PHE B 65 10.70 20.16 6.02
N ALA B 66 10.73 19.83 7.30
CA ALA B 66 10.26 20.75 8.33
C ALA B 66 11.14 21.99 8.45
N GLU B 67 12.45 21.86 8.24
CA GLU B 67 13.30 23.06 8.22
C GLU B 67 12.96 23.91 7.02
N ALA B 68 12.64 23.28 5.88
CA ALA B 68 12.42 24.00 4.62
C ALA B 68 11.19 24.86 4.67
N VAL B 69 10.15 24.38 5.34
CA VAL B 69 8.90 25.21 5.43
C VAL B 69 9.11 26.57 6.10
N LYS B 70 10.07 26.65 7.01
CA LYS B 70 10.31 27.86 7.83
C LYS B 70 10.48 29.11 6.98
N SER B 71 11.19 28.98 5.85
CA SER B 71 11.51 30.13 4.99
C SER B 71 10.69 30.10 3.69
N ARG B 72 9.70 29.19 3.60
CA ARG B 72 8.95 28.97 2.36
C ARG B 72 7.49 29.05 2.62
N PRO B 73 6.97 30.27 2.68
CA PRO B 73 5.59 30.43 3.12
C PRO B 73 4.49 30.03 2.16
N GLN B 74 4.75 30.11 0.85
CA GLN B 74 3.75 29.72 -0.13
C GLN B 74 3.79 28.23 -0.46
N ASP B 75 2.64 27.64 -0.75
CA ASP B 75 2.62 26.27 -1.32
C ASP B 75 3.59 26.14 -2.50
N GLN B 76 3.61 27.15 -3.38
N GLN B 76 3.61 27.14 -3.39
CA GLN B 76 4.48 27.06 -4.55
CA GLN B 76 4.48 27.09 -4.55
C GLN B 76 5.96 27.05 -4.17
C GLN B 76 5.95 27.02 -4.14
N ASP B 77 6.32 27.68 -3.05
CA ASP B 77 7.72 27.70 -2.56
C ASP B 77 8.06 26.28 -2.13
N MSE B 78 7.14 25.62 -1.42
CA MSE B 78 7.42 24.27 -0.96
C MSE B 78 7.40 23.25 -2.06
O MSE B 78 8.20 22.30 -2.02
CB MSE B 78 6.47 23.86 0.17
CG MSE B 78 6.94 24.36 1.56
SE MSE B 78 8.79 23.88 2.06
CE MSE B 78 8.58 21.95 2.19
N LEU B 79 6.54 23.45 -3.04
CA LEU B 79 6.51 22.56 -4.24
C LEU B 79 7.85 22.65 -5.00
N ALA B 80 8.35 23.88 -5.15
CA ALA B 80 9.66 24.06 -5.79
C ALA B 80 10.78 23.38 -5.00
N TRP B 81 10.69 23.43 -3.67
CA TRP B 81 11.71 22.81 -2.84
C TRP B 81 11.65 21.27 -3.01
N VAL B 82 10.43 20.70 -2.96
CA VAL B 82 10.28 19.26 -3.16
C VAL B 82 10.84 18.86 -4.54
N HIS B 83 10.50 19.62 -5.58
CA HIS B 83 11.04 19.30 -6.91
C HIS B 83 12.57 19.31 -6.91
N SER B 84 13.17 20.30 -6.25
N SER B 84 13.17 20.28 -6.22
CA SER B 84 14.63 20.39 -6.18
CA SER B 84 14.63 20.43 -6.16
C SER B 84 15.26 19.19 -5.48
C SER B 84 15.32 19.33 -5.35
N GLN B 85 14.56 18.66 -4.48
CA GLN B 85 15.04 17.57 -3.65
C GLN B 85 14.73 16.21 -4.18
N SER B 86 13.80 16.11 -5.13
CA SER B 86 13.23 14.81 -5.49
C SER B 86 12.98 14.72 -6.99
N PRO B 87 13.92 14.12 -7.71
CA PRO B 87 13.69 13.86 -9.11
C PRO B 87 12.41 13.07 -9.35
N ARG B 88 12.11 12.11 -8.47
CA ARG B 88 10.88 11.31 -8.69
C ARG B 88 9.61 12.17 -8.69
N SER B 89 9.61 13.20 -7.83
CA SER B 89 8.46 14.11 -7.73
C SER B 89 8.21 14.91 -9.03
N LYS B 90 9.22 14.98 -9.89
CA LYS B 90 9.13 15.74 -11.15
C LYS B 90 8.61 14.85 -12.27
N ASN B 91 8.30 13.60 -11.96
CA ASN B 91 7.78 12.70 -12.97
C ASN B 91 6.28 12.47 -12.72
N PRO B 92 5.40 13.05 -13.56
CA PRO B 92 3.96 12.98 -13.25
C PRO B 92 3.43 11.56 -13.18
N LYS B 93 4.04 10.63 -13.93
CA LYS B 93 3.60 9.23 -13.88
C LYS B 93 3.94 8.61 -12.53
N GLU B 94 5.10 8.96 -11.97
CA GLU B 94 5.47 8.48 -10.63
C GLU B 94 4.59 9.11 -9.54
N VAL B 95 4.24 10.40 -9.70
CA VAL B 95 3.31 11.02 -8.76
C VAL B 95 1.96 10.30 -8.82
N GLU B 96 1.51 9.94 -10.03
CA GLU B 96 0.23 9.20 -10.15
C GLU B 96 0.35 7.81 -9.51
N SER B 97 1.51 7.15 -9.64
N SER B 97 1.52 7.17 -9.65
CA SER B 97 1.69 5.83 -8.98
CA SER B 97 1.78 5.88 -9.04
C SER B 97 1.60 5.98 -7.46
C SER B 97 1.64 5.99 -7.50
N PHE B 98 2.23 7.02 -6.91
CA PHE B 98 2.10 7.26 -5.49
C PHE B 98 0.61 7.44 -5.15
N ASN B 99 -0.07 8.34 -5.88
CA ASN B 99 -1.47 8.64 -5.54
C ASN B 99 -2.33 7.38 -5.55
N ARG B 100 -2.12 6.53 -6.56
CA ARG B 100 -2.96 5.32 -6.70
C ARG B 100 -2.76 4.42 -5.48
N GLU B 101 -1.53 4.24 -5.04
CA GLU B 101 -1.32 3.36 -3.90
C GLU B 101 -1.81 4.03 -2.62
N TYR B 102 -1.52 5.32 -2.46
CA TYR B 102 -1.95 6.08 -1.27
C TYR B 102 -3.46 6.03 -1.10
N GLU B 103 -4.19 6.24 -2.20
CA GLU B 103 -5.65 6.26 -2.14
C GLU B 103 -6.24 4.89 -1.93
N SER B 104 -5.43 3.85 -2.19
N SER B 104 -5.44 3.85 -2.18
CA SER B 104 -5.87 2.46 -2.00
CA SER B 104 -5.92 2.47 -1.99
C SER B 104 -5.56 1.89 -0.64
C SER B 104 -5.69 1.96 -0.57
N ARG B 105 -4.80 2.63 0.17
CA ARG B 105 -4.35 2.08 1.46
C ARG B 105 -5.56 1.82 2.37
N SER B 106 -5.64 0.61 2.90
N SER B 106 -5.65 0.60 2.87
CA SER B 106 -6.75 0.22 3.76
CA SER B 106 -6.76 0.17 3.73
C SER B 106 -6.21 -0.58 4.94
C SER B 106 -6.17 -0.44 5.00
N PRO B 107 -7.02 -0.75 6.00
CA PRO B 107 -6.49 -1.39 7.23
C PRO B 107 -5.79 -2.70 6.92
N ASP B 108 -4.55 -2.85 7.39
N ASP B 108 -4.57 -2.81 7.46
CA ASP B 108 -3.73 -3.98 6.91
CA ASP B 108 -3.59 -3.89 7.19
C ASP B 108 -3.91 -5.28 7.71
C ASP B 108 -3.92 -5.27 7.72
N SER B 109 -4.90 -5.32 8.61
CA SER B 109 -5.16 -6.52 9.39
C SER B 109 -6.60 -6.46 9.88
N PRO B 110 -7.16 -7.62 10.28
CA PRO B 110 -8.53 -7.56 10.81
C PRO B 110 -8.66 -6.70 12.08
N GLU B 111 -7.62 -6.70 12.92
N GLU B 111 -7.63 -6.70 12.94
CA GLU B 111 -7.63 -5.85 14.13
CA GLU B 111 -7.65 -5.85 14.14
C GLU B 111 -7.76 -4.39 13.73
C GLU B 111 -7.75 -4.38 13.75
N LYS B 112 -6.98 -3.97 12.74
CA LYS B 112 -7.06 -2.57 12.31
C LYS B 112 -8.39 -2.33 11.57
N TRP B 113 -8.93 -3.34 10.87
CA TRP B 113 -10.24 -3.21 10.23
C TRP B 113 -11.34 -2.99 11.27
N ASP B 114 -11.30 -3.75 12.37
CA ASP B 114 -12.25 -3.54 13.47
C ASP B 114 -12.19 -2.09 13.97
N TYR B 115 -10.97 -1.58 14.17
CA TYR B 115 -10.83 -0.19 14.58
C TYR B 115 -11.42 0.78 13.55
N PHE B 116 -11.07 0.58 12.29
CA PHE B 116 -11.55 1.45 11.22
C PHE B 116 -13.09 1.44 11.20
N ARG B 117 -13.69 0.26 11.32
CA ARG B 117 -15.15 0.18 11.34
C ARG B 117 -15.74 0.92 12.53
N SER B 118 -15.07 0.90 13.68
N SER B 118 -15.07 0.88 13.68
CA SER B 118 -15.56 1.59 14.87
CA SER B 118 -15.54 1.60 14.87
C SER B 118 -15.61 3.10 14.63
C SER B 118 -15.63 3.09 14.59
N VAL B 119 -14.60 3.63 13.94
CA VAL B 119 -14.59 5.05 13.57
C VAL B 119 -15.65 5.35 12.53
N ARG B 120 -15.69 4.56 11.46
CA ARG B 120 -16.68 4.73 10.40
C ARG B 120 -18.11 4.67 10.97
N ASP B 121 -18.36 3.74 11.89
N ASP B 121 -18.38 3.73 11.87
CA ASP B 121 -19.69 3.52 12.49
CA ASP B 121 -19.72 3.58 12.44
C ASP B 121 -20.21 4.73 13.28
C ASP B 121 -20.18 4.90 13.06
N SER B 122 -19.27 5.54 13.79
CA SER B 122 -19.61 6.76 14.52
C SER B 122 -19.92 7.93 13.60
N LEU B 123 -19.30 7.93 12.44
CA LEU B 123 -19.43 9.04 11.51
C LEU B 123 -20.50 8.83 10.44
N ALA B 124 -20.52 7.65 9.84
CA ALA B 124 -21.41 7.37 8.71
C ALA B 124 -21.60 5.85 8.60
N PRO B 125 -22.42 5.29 9.51
CA PRO B 125 -22.53 3.84 9.62
C PRO B 125 -22.99 3.14 8.34
N GLY B 126 -23.82 3.81 7.56
CA GLY B 126 -24.19 3.31 6.25
C GLY B 126 -23.16 3.31 5.13
N ARG B 127 -22.00 3.92 5.36
CA ARG B 127 -21.01 4.12 4.27
C ARG B 127 -20.01 2.95 4.18
N THR B 128 -20.52 1.77 3.91
CA THR B 128 -19.72 0.53 3.87
C THR B 128 -18.80 0.44 2.65
N ASP B 129 -18.99 1.36 1.72
CA ASP B 129 -18.14 1.49 0.54
C ASP B 129 -16.83 2.18 0.89
N ILE B 130 -16.77 2.83 2.05
CA ILE B 130 -15.57 3.60 2.45
C ILE B 130 -14.66 2.61 3.18
N THR B 131 -13.60 2.19 2.51
CA THR B 131 -12.73 1.13 3.02
C THR B 131 -11.31 1.64 3.12
N THR B 132 -11.04 2.85 2.67
CA THR B 132 -9.68 3.35 2.64
C THR B 132 -9.45 4.42 3.69
N TRP B 133 -8.21 4.46 4.16
CA TRP B 133 -7.84 5.40 5.21
C TRP B 133 -8.04 6.84 4.78
N VAL B 134 -7.66 7.19 3.56
CA VAL B 134 -7.73 8.62 3.20
C VAL B 134 -9.18 9.11 3.09
N LYS B 135 -10.13 8.25 2.70
CA LYS B 135 -11.54 8.66 2.68
C LYS B 135 -12.09 8.78 4.11
N LEU B 136 -11.74 7.83 4.96
CA LEU B 136 -12.09 7.93 6.39
C LEU B 136 -11.55 9.26 7.04
N LEU B 137 -10.32 9.65 6.70
CA LEU B 137 -9.74 10.90 7.23
C LEU B 137 -10.59 12.11 6.80
N ASP B 138 -11.00 12.17 5.55
CA ASP B 138 -11.79 13.32 5.14
C ASP B 138 -13.16 13.29 5.82
N LEU B 139 -13.72 12.08 6.02
CA LEU B 139 -15.01 11.98 6.70
C LEU B 139 -14.89 12.49 8.14
N GLU B 140 -13.81 12.10 8.82
CA GLU B 140 -13.56 12.54 10.18
C GLU B 140 -13.36 14.07 10.25
N GLU B 141 -12.77 14.62 9.18
CA GLU B 141 -12.49 16.06 9.11
C GLU B 141 -13.62 16.83 8.41
N LYS B 142 -14.79 16.18 8.39
CA LYS B 142 -16.06 16.79 7.99
C LYS B 142 -16.07 17.29 6.54
N ARG B 143 -15.36 16.58 5.68
CA ARG B 143 -15.33 16.88 4.25
C ARG B 143 -16.17 15.83 3.47
N PRO B 144 -16.75 16.21 2.31
CA PRO B 144 -17.53 15.20 1.55
C PRO B 144 -16.66 14.09 0.96
N VAL B 145 -17.14 12.86 0.96
CA VAL B 145 -16.37 11.74 0.37
C VAL B 145 -17.21 10.77 -0.46
#